data_4JKK
#
_entry.id   4JKK
#
_cell.length_a   68.814
_cell.length_b   83.829
_cell.length_c   199.332
_cell.angle_alpha   90.00
_cell.angle_beta   90.00
_cell.angle_gamma   90.00
#
_symmetry.space_group_name_H-M   'I 2 2 2'
#
loop_
_entity.id
_entity.type
_entity.pdbx_description
1 polymer Beta-glucuronidase
2 non-polymer 'MAGNESIUM ION'
3 water water
#
_entity_poly.entity_id   1
_entity_poly.type   'polypeptide(L)'
_entity_poly.pdbx_seq_one_letter_code
;SNAMLYPLLTKTRNTYDLGGIWNFKLGEHNPNELLPSDEVMVIPTSFNDLMVSKEKRDYIGDFWYEKVIEVPKVSEDEEM
VLRFGSVTHQAKIYVDGVLVGEHKGGFTPFEVLVPECKYNNEKIKVSICANNVLDYTTLPVGNYSEIIQEDGSIKKKVRE
NFDFFNYAGVHRPLKLMIRPKNHIFDITITSRLSDDLQSADLHFLVETNQKVDEVRISVFDEDNKLVGETKDSRLFLSDV
HLWEVLNAYLYTARVEIFVDNQLQDVYEENFGLREIEVTNGQFLLNRKPIYFKGFGKHEDTFINGRGLNEAANLMDLNLL
KDMGANSFRTSHYPYSEEMMRLADRMGVLVIDEVPAVGLFQNFNASLDLSPKDNGTWNLMQTKAAHEQAIQELVKRDKNH
PSVVMWVVANEPASHEAGAHDYFEPLVKLYKDLDPQKRPVTLVNILMATPDRDQVMDLVDVVCLNRYYGWYVDHGDLTNA
EVGIRKELLEWQDKFPDKPIIITEYGADTLPGLHSTWNIPYTEEFQCDFYEMSHRVFDGIPNLVGEQVWNFADFETNLMI
LRVQGNHKGLFSRNRQPKQVVKEFKKRWMTIPHYHNKKNSVK
;
_entity_poly.pdbx_strand_id   A
#
loop_
_chem_comp.id
_chem_comp.type
_chem_comp.name
_chem_comp.formula
MG non-polymer 'MAGNESIUM ION' 'Mg 2'
#
# COMPACT_ATOMS: atom_id res chain seq x y z
N ASN A 2 9.75 -2.62 -14.26
CA ASN A 2 9.24 -3.27 -15.50
C ASN A 2 7.93 -4.09 -15.34
N ALA A 3 7.57 -4.40 -14.09
CA ALA A 3 6.34 -5.15 -13.80
C ALA A 3 5.20 -4.23 -13.36
N MET A 4 4.73 -3.37 -14.24
CA MET A 4 3.73 -2.41 -13.81
C MET A 4 2.30 -2.83 -14.16
N LEU A 5 2.14 -3.93 -14.89
CA LEU A 5 0.83 -4.34 -15.34
C LEU A 5 0.31 -5.58 -14.60
N TYR A 6 -0.89 -5.50 -14.07
CA TYR A 6 -1.50 -6.66 -13.46
C TYR A 6 -1.51 -7.89 -14.43
N PRO A 7 -1.00 -9.05 -13.98
CA PRO A 7 -0.87 -10.23 -14.85
C PRO A 7 -2.23 -10.80 -15.19
N LEU A 8 -2.58 -10.79 -16.46
CA LEU A 8 -3.89 -11.22 -16.93
C LEU A 8 -3.72 -12.39 -17.88
N LEU A 9 -4.78 -13.18 -18.00
CA LEU A 9 -4.85 -14.18 -19.04
C LEU A 9 -5.51 -13.54 -20.27
N THR A 10 -4.81 -13.55 -21.40
CA THR A 10 -5.38 -13.06 -22.65
C THR A 10 -5.01 -14.05 -23.72
N LYS A 11 -5.57 -13.89 -24.92
CA LYS A 11 -5.19 -14.84 -25.97
C LYS A 11 -3.71 -14.79 -26.36
N THR A 12 -3.02 -13.71 -25.99
CA THR A 12 -1.60 -13.61 -26.27
C THR A 12 -0.74 -13.81 -25.01
N ARG A 13 -1.37 -13.84 -23.84
CA ARG A 13 -0.64 -13.93 -22.57
C ARG A 13 -1.11 -15.09 -21.69
N ASN A 14 -0.32 -16.15 -21.65
CA ASN A 14 -0.54 -17.24 -20.72
C ASN A 14 0.05 -17.00 -19.36
N THR A 15 -0.81 -16.97 -18.36
CA THR A 15 -0.42 -16.67 -17.01
C THR A 15 -0.69 -17.87 -16.11
N TYR A 16 0.36 -18.40 -15.51
CA TYR A 16 0.23 -19.58 -14.68
C TYR A 16 0.56 -19.24 -13.23
N ASP A 17 -0.31 -19.66 -12.31
CA ASP A 17 -0.04 -19.50 -10.89
C ASP A 17 0.95 -20.53 -10.36
N LEU A 18 2.03 -20.09 -9.73
CA LEU A 18 3.03 -21.00 -9.21
C LEU A 18 2.90 -21.28 -7.70
N GLY A 19 1.80 -20.81 -7.10
CA GLY A 19 1.60 -20.91 -5.66
C GLY A 19 1.41 -22.34 -5.17
N GLY A 20 1.49 -22.56 -3.86
CA GLY A 20 1.38 -23.90 -3.32
C GLY A 20 2.54 -24.24 -2.42
N ILE A 21 3.00 -25.48 -2.47
CA ILE A 21 4.01 -25.94 -1.56
C ILE A 21 5.40 -25.85 -2.19
N TRP A 22 6.33 -25.23 -1.48
CA TRP A 22 7.72 -25.13 -1.92
C TRP A 22 8.66 -25.70 -0.85
N ASN A 23 9.73 -26.35 -1.25
CA ASN A 23 10.77 -26.72 -0.32
C ASN A 23 11.31 -25.46 0.31
N PHE A 24 11.71 -25.56 1.56
CA PHE A 24 11.94 -24.37 2.33
C PHE A 24 13.05 -24.55 3.32
N LYS A 25 13.86 -23.52 3.49
CA LYS A 25 14.90 -23.59 4.48
C LYS A 25 15.27 -22.22 4.99
N LEU A 26 15.40 -22.11 6.32
CA LEU A 26 15.98 -20.94 6.93
C LEU A 26 17.48 -21.07 6.88
N GLY A 27 18.19 -20.06 6.41
CA GLY A 27 19.63 -20.12 6.49
C GLY A 27 20.27 -20.36 5.15
N GLU A 28 21.49 -20.88 5.18
CA GLU A 28 22.31 -20.97 3.99
CA GLU A 28 22.38 -21.03 4.03
C GLU A 28 21.94 -22.16 3.08
N HIS A 29 22.13 -21.97 1.77
CA HIS A 29 21.77 -22.99 0.76
C HIS A 29 22.51 -22.73 -0.52
N ASN A 30 23.09 -23.80 -1.06
CA ASN A 30 23.71 -23.76 -2.39
C ASN A 30 22.67 -24.05 -3.48
N PRO A 31 22.24 -23.01 -4.20
CA PRO A 31 21.17 -23.17 -5.23
C PRO A 31 21.54 -24.16 -6.35
N ASN A 32 22.82 -24.49 -6.53
CA ASN A 32 23.21 -25.62 -7.41
C ASN A 32 22.82 -27.02 -6.87
N GLU A 33 22.43 -27.07 -5.61
CA GLU A 33 22.10 -28.31 -4.98
C GLU A 33 20.61 -28.29 -4.78
N LEU A 34 20.07 -29.42 -4.39
CA LEU A 34 18.62 -29.56 -4.33
C LEU A 34 18.13 -29.46 -2.90
N LEU A 35 17.36 -28.43 -2.57
CA LEU A 35 16.72 -28.36 -1.23
C LEU A 35 15.84 -29.58 -0.90
N PRO A 36 16.01 -30.19 0.30
CA PRO A 36 15.16 -31.34 0.70
C PRO A 36 13.72 -30.91 1.00
N SER A 37 12.83 -31.88 1.08
CA SER A 37 11.44 -31.65 1.47
C SER A 37 11.21 -31.86 2.98
N ASP A 38 12.30 -31.73 3.76
CA ASP A 38 12.26 -31.73 5.25
C ASP A 38 11.33 -30.61 5.75
N GLU A 39 11.65 -29.38 5.37
CA GLU A 39 10.61 -28.41 5.57
CA GLU A 39 10.83 -28.13 5.51
C GLU A 39 10.09 -27.84 4.22
N VAL A 40 8.84 -27.42 4.29
CA VAL A 40 8.13 -26.84 3.16
C VAL A 40 7.53 -25.50 3.56
N MET A 41 7.16 -24.69 2.59
CA MET A 41 6.48 -23.47 2.88
C MET A 41 5.46 -23.21 1.81
N VAL A 42 4.43 -22.44 2.14
CA VAL A 42 3.38 -22.13 1.19
C VAL A 42 3.67 -20.77 0.54
N ILE A 43 3.25 -20.63 -0.71
CA ILE A 43 3.24 -19.36 -1.38
C ILE A 43 1.78 -19.12 -1.78
N PRO A 44 1.21 -17.93 -1.46
CA PRO A 44 1.79 -16.82 -0.69
C PRO A 44 1.45 -16.86 0.81
N THR A 45 2.33 -16.33 1.67
CA THR A 45 2.09 -16.24 3.13
C THR A 45 3.33 -15.73 3.82
N SER A 46 3.17 -15.09 4.98
CA SER A 46 4.34 -14.81 5.84
C SER A 46 4.74 -16.14 6.44
N PHE A 47 6.04 -16.35 6.60
CA PHE A 47 6.52 -17.60 7.14
C PHE A 47 6.46 -17.66 8.67
N ASN A 48 6.46 -16.48 9.30
CA ASN A 48 6.76 -16.37 10.70
C ASN A 48 5.84 -17.15 11.59
N ASP A 49 4.52 -17.05 11.36
CA ASP A 49 3.55 -17.63 12.29
C ASP A 49 3.42 -19.11 12.12
N LEU A 50 3.96 -19.62 11.01
CA LEU A 50 3.94 -21.05 10.73
C LEU A 50 5.06 -21.76 11.45
N MET A 51 5.98 -20.99 12.05
CA MET A 51 7.04 -21.55 12.84
C MET A 51 6.55 -21.80 14.26
N VAL A 52 6.80 -23.00 14.78
CA VAL A 52 6.35 -23.34 16.13
C VAL A 52 7.26 -22.82 17.24
N SER A 53 8.51 -22.50 16.94
CA SER A 53 9.39 -21.98 17.98
C SER A 53 9.76 -20.53 17.75
N LYS A 54 10.05 -19.84 18.85
CA LYS A 54 10.39 -18.42 18.78
C LYS A 54 11.65 -18.19 17.96
N GLU A 55 12.67 -19.01 18.22
CA GLU A 55 13.93 -18.84 17.53
C GLU A 55 13.77 -18.85 16.00
N LYS A 56 12.89 -19.73 15.51
CA LYS A 56 12.58 -19.78 14.10
C LYS A 56 11.75 -18.60 13.62
N ARG A 57 10.71 -18.25 14.37
CA ARG A 57 9.90 -17.11 14.04
C ARG A 57 10.69 -15.78 14.02
N ASP A 58 11.74 -15.69 14.82
CA ASP A 58 12.54 -14.48 14.90
C ASP A 58 13.76 -14.52 13.99
N TYR A 59 13.94 -15.61 13.24
CA TYR A 59 15.05 -15.70 12.30
C TYR A 59 15.23 -14.46 11.41
N ILE A 60 16.48 -14.06 11.22
CA ILE A 60 16.84 -12.95 10.38
C ILE A 60 18.04 -13.35 9.49
N GLY A 61 17.85 -13.24 8.16
CA GLY A 61 18.87 -13.46 7.16
C GLY A 61 18.29 -14.07 5.89
N ASP A 62 19.09 -14.90 5.23
CA ASP A 62 18.61 -15.63 4.04
C ASP A 62 17.65 -16.75 4.42
N PHE A 63 16.60 -16.95 3.63
CA PHE A 63 15.83 -18.16 3.70
C PHE A 63 15.32 -18.45 2.31
N TRP A 64 15.16 -19.74 2.01
CA TRP A 64 14.97 -20.18 0.65
C TRP A 64 13.67 -20.92 0.38
N TYR A 65 13.15 -20.69 -0.82
CA TYR A 65 12.02 -21.42 -1.36
C TYR A 65 12.53 -22.09 -2.62
N GLU A 66 12.16 -23.35 -2.84
CA GLU A 66 12.65 -24.01 -4.04
C GLU A 66 11.69 -25.01 -4.59
N LYS A 67 11.51 -24.99 -5.90
CA LYS A 67 10.62 -25.96 -6.54
C LYS A 67 11.07 -26.23 -7.98
N VAL A 68 11.01 -27.49 -8.39
CA VAL A 68 11.15 -27.85 -9.79
C VAL A 68 9.81 -27.67 -10.53
N ILE A 69 9.86 -26.92 -11.61
CA ILE A 69 8.68 -26.48 -12.35
C ILE A 69 8.74 -26.90 -13.80
N GLU A 70 7.63 -27.45 -14.29
CA GLU A 70 7.52 -27.87 -15.68
C GLU A 70 7.53 -26.67 -16.61
N VAL A 71 8.25 -26.78 -17.71
CA VAL A 71 8.26 -25.72 -18.73
C VAL A 71 7.15 -25.91 -19.77
N PRO A 72 6.22 -24.95 -19.84
CA PRO A 72 5.14 -25.00 -20.84
C PRO A 72 5.68 -24.75 -22.26
N LYS A 73 4.82 -24.89 -23.27
CA LYS A 73 5.20 -24.62 -24.66
C LYS A 73 5.44 -23.12 -24.83
N VAL A 74 6.62 -22.75 -25.33
CA VAL A 74 6.96 -21.36 -25.59
C VAL A 74 7.35 -21.24 -27.05
N SER A 75 6.63 -20.43 -27.81
CA SER A 75 6.91 -20.34 -29.22
C SER A 75 8.07 -19.37 -29.47
N GLU A 76 8.60 -19.39 -30.69
CA GLU A 76 9.79 -18.64 -31.07
C GLU A 76 9.68 -17.14 -30.83
N ASP A 77 8.47 -16.60 -30.99
CA ASP A 77 8.22 -15.16 -30.79
C ASP A 77 7.82 -14.78 -29.34
N GLU A 78 7.80 -15.77 -28.44
CA GLU A 78 7.43 -15.53 -27.05
C GLU A 78 8.64 -15.55 -26.10
N GLU A 79 8.39 -15.15 -24.86
CA GLU A 79 9.35 -15.16 -23.78
C GLU A 79 8.62 -15.54 -22.50
N MET A 80 9.38 -16.02 -21.53
CA MET A 80 8.86 -16.54 -20.28
C MET A 80 9.45 -15.76 -19.07
N VAL A 81 8.57 -15.17 -18.25
CA VAL A 81 9.02 -14.44 -17.08
C VAL A 81 8.32 -14.90 -15.81
N LEU A 82 9.03 -14.77 -14.70
CA LEU A 82 8.50 -15.03 -13.40
C LEU A 82 8.10 -13.68 -12.86
N ARG A 83 6.86 -13.57 -12.40
CA ARG A 83 6.36 -12.30 -11.96
C ARG A 83 5.95 -12.35 -10.48
N PHE A 84 6.64 -11.61 -9.63
CA PHE A 84 6.35 -11.64 -8.20
C PHE A 84 5.51 -10.43 -7.76
N GLY A 85 4.39 -10.68 -7.10
CA GLY A 85 3.63 -9.60 -6.47
C GLY A 85 4.54 -8.83 -5.56
N SER A 86 5.44 -9.57 -4.89
CA SER A 86 6.41 -9.00 -3.95
C SER A 86 7.15 -10.14 -3.22
N VAL A 87 8.35 -9.85 -2.74
CA VAL A 87 9.07 -10.74 -1.80
C VAL A 87 9.59 -9.81 -0.72
N THR A 88 9.48 -10.25 0.53
CA THR A 88 9.75 -9.40 1.68
C THR A 88 10.93 -9.94 2.41
N HIS A 89 12.01 -9.16 2.52
CA HIS A 89 12.15 -7.80 2.02
C HIS A 89 13.00 -7.67 0.77
N GLN A 90 13.98 -8.55 0.61
CA GLN A 90 14.91 -8.54 -0.52
C GLN A 90 14.85 -9.94 -1.12
N ALA A 91 15.19 -10.05 -2.41
CA ALA A 91 15.09 -11.32 -3.08
C ALA A 91 16.13 -11.45 -4.17
N LYS A 92 16.68 -12.66 -4.23
CA LYS A 92 17.53 -13.07 -5.35
C LYS A 92 16.89 -14.32 -5.94
N ILE A 93 16.82 -14.37 -7.26
CA ILE A 93 16.08 -15.42 -7.93
C ILE A 93 17.05 -16.22 -8.77
N TYR A 94 16.93 -17.54 -8.67
CA TYR A 94 17.83 -18.45 -9.34
C TYR A 94 17.02 -19.35 -10.24
N VAL A 95 17.58 -19.56 -11.44
CA VAL A 95 17.12 -20.64 -12.30
C VAL A 95 18.26 -21.66 -12.48
N ASP A 96 18.00 -22.92 -12.12
CA ASP A 96 19.03 -23.98 -12.25
C ASP A 96 20.37 -23.54 -11.65
N GLY A 97 20.30 -22.87 -10.51
CA GLY A 97 21.51 -22.60 -9.73
C GLY A 97 22.19 -21.34 -10.19
N VAL A 98 21.66 -20.73 -11.26
CA VAL A 98 22.24 -19.51 -11.83
C VAL A 98 21.45 -18.29 -11.42
N LEU A 99 22.14 -17.28 -10.90
CA LEU A 99 21.51 -16.02 -10.52
C LEU A 99 20.93 -15.35 -11.76
N VAL A 100 19.67 -14.99 -11.69
CA VAL A 100 18.97 -14.59 -12.90
C VAL A 100 18.11 -13.32 -12.69
N GLY A 101 18.12 -12.78 -11.48
CA GLY A 101 17.41 -11.57 -11.18
C GLY A 101 17.42 -11.23 -9.72
N GLU A 102 17.07 -9.99 -9.41
CA GLU A 102 17.24 -9.52 -8.05
C GLU A 102 16.29 -8.35 -7.76
N HIS A 103 15.88 -8.17 -6.50
CA HIS A 103 14.96 -7.08 -6.11
C HIS A 103 15.12 -6.66 -4.64
N LYS A 104 14.96 -5.37 -4.39
CA LYS A 104 14.98 -4.78 -3.05
C LYS A 104 13.73 -3.91 -2.80
N GLY A 105 13.05 -4.14 -1.68
CA GLY A 105 11.70 -3.56 -1.44
C GLY A 105 10.62 -4.65 -1.33
N GLY A 106 9.99 -4.75 -0.16
CA GLY A 106 9.20 -5.91 0.14
C GLY A 106 7.73 -5.87 -0.19
N PHE A 107 7.32 -4.81 -0.87
CA PHE A 107 5.90 -4.53 -1.06
C PHE A 107 5.53 -4.07 -2.47
N THR A 108 6.44 -4.25 -3.44
CA THR A 108 6.17 -3.92 -4.80
C THR A 108 6.58 -5.03 -5.77
N PRO A 109 5.89 -5.14 -6.91
CA PRO A 109 6.10 -6.26 -7.80
C PRO A 109 7.29 -6.07 -8.74
N PHE A 110 7.83 -7.18 -9.23
CA PHE A 110 8.97 -7.20 -10.19
C PHE A 110 8.91 -8.47 -11.02
N GLU A 111 9.52 -8.41 -12.19
CA GLU A 111 9.58 -9.60 -12.98
C GLU A 111 11.01 -10.04 -13.25
N VAL A 112 11.17 -11.30 -13.59
CA VAL A 112 12.48 -11.85 -13.83
C VAL A 112 12.40 -12.74 -15.05
N LEU A 113 13.18 -12.38 -16.07
CA LEU A 113 13.19 -13.13 -17.33
C LEU A 113 13.86 -14.51 -17.16
N VAL A 114 13.18 -15.57 -17.58
CA VAL A 114 13.82 -16.87 -17.64
C VAL A 114 14.67 -16.98 -18.92
N PRO A 115 15.98 -17.31 -18.80
CA PRO A 115 16.85 -17.37 -19.99
C PRO A 115 16.27 -18.21 -21.12
N GLU A 116 16.17 -17.58 -22.29
CA GLU A 116 15.69 -18.21 -23.52
C GLU A 116 16.27 -19.63 -23.79
N CYS A 117 17.57 -19.79 -23.52
CA CYS A 117 18.24 -21.07 -23.78
C CYS A 117 17.60 -22.23 -23.02
N LYS A 118 16.79 -21.94 -22.01
CA LYS A 118 16.14 -22.98 -21.22
C LYS A 118 14.72 -23.31 -21.64
N TYR A 119 14.22 -22.70 -22.70
CA TYR A 119 12.83 -22.92 -23.11
C TYR A 119 12.54 -24.31 -23.74
N ASN A 120 13.57 -24.98 -24.23
CA ASN A 120 13.39 -26.32 -24.81
C ASN A 120 13.69 -27.44 -23.81
N ASN A 121 13.82 -27.06 -22.54
CA ASN A 121 13.98 -28.01 -21.48
C ASN A 121 12.64 -28.45 -20.95
N GLU A 122 12.63 -29.64 -20.39
CA GLU A 122 11.45 -30.21 -19.77
C GLU A 122 11.11 -29.48 -18.47
N LYS A 123 12.12 -29.28 -17.62
CA LYS A 123 11.95 -28.72 -16.29
C LYS A 123 12.96 -27.62 -15.96
N ILE A 124 12.59 -26.68 -15.10
CA ILE A 124 13.54 -25.77 -14.53
C ILE A 124 13.36 -25.72 -13.01
N LYS A 125 14.48 -25.58 -12.30
CA LYS A 125 14.42 -25.41 -10.88
C LYS A 125 14.43 -23.92 -10.54
N VAL A 126 13.39 -23.46 -9.88
CA VAL A 126 13.34 -22.08 -9.41
C VAL A 126 13.74 -22.00 -7.93
N SER A 127 14.71 -21.15 -7.62
CA SER A 127 15.16 -20.98 -6.25
C SER A 127 14.99 -19.53 -5.90
N ILE A 128 14.36 -19.27 -4.75
CA ILE A 128 14.15 -17.92 -4.30
C ILE A 128 14.87 -17.78 -2.99
N CYS A 129 15.89 -16.94 -2.98
CA CYS A 129 16.57 -16.58 -1.75
C CYS A 129 15.98 -15.29 -1.18
N ALA A 130 15.06 -15.39 -0.22
CA ALA A 130 14.47 -14.20 0.40
C ALA A 130 15.35 -13.71 1.51
N ASN A 131 15.23 -12.46 1.87
CA ASN A 131 16.01 -11.87 2.96
C ASN A 131 15.16 -10.84 3.71
N ASN A 132 15.19 -10.86 5.04
CA ASN A 132 14.26 -10.01 5.80
C ASN A 132 14.97 -9.02 6.71
N VAL A 133 16.19 -8.67 6.35
CA VAL A 133 16.96 -7.67 7.07
C VAL A 133 16.44 -6.30 6.72
N LEU A 134 16.20 -5.49 7.73
CA LEU A 134 15.92 -4.06 7.53
C LEU A 134 17.06 -3.25 8.07
N ASP A 135 17.30 -2.07 7.51
CA ASP A 135 18.54 -1.33 7.70
C ASP A 135 18.29 0.12 7.94
N TYR A 136 19.35 0.91 7.81
CA TYR A 136 19.24 2.34 7.58
C TYR A 136 19.24 2.68 6.09
N THR A 137 19.33 1.65 5.27
CA THR A 137 19.32 1.85 3.84
C THR A 137 18.04 1.28 3.22
N THR A 138 17.17 0.68 4.04
CA THR A 138 15.94 0.05 3.52
C THR A 138 14.70 0.80 3.92
N LEU A 139 13.58 0.48 3.28
CA LEU A 139 12.28 0.92 3.75
C LEU A 139 11.38 -0.29 3.92
N PRO A 140 10.82 -0.48 5.12
CA PRO A 140 10.91 0.39 6.29
C PRO A 140 12.30 0.38 6.96
N VAL A 141 12.55 1.36 7.82
CA VAL A 141 13.82 1.53 8.46
C VAL A 141 13.95 0.60 9.65
N GLY A 142 15.04 -0.15 9.67
CA GLY A 142 15.34 -1.06 10.78
C GLY A 142 16.63 -0.71 11.51
N ASN A 143 16.73 -1.15 12.74
CA ASN A 143 17.95 -0.97 13.51
C ASN A 143 18.63 -2.31 13.46
N TYR A 144 19.63 -2.41 12.60
CA TYR A 144 20.28 -3.70 12.38
C TYR A 144 21.50 -3.87 13.30
N SER A 145 21.67 -5.10 13.81
CA SER A 145 22.83 -5.43 14.65
C SER A 145 23.18 -6.91 14.60
N GLU A 146 24.47 -7.18 14.80
CA GLU A 146 24.98 -8.56 14.81
C GLU A 146 25.68 -8.86 16.12
N ILE A 147 25.26 -9.93 16.79
CA ILE A 147 25.99 -10.39 17.97
C ILE A 147 26.51 -11.83 17.77
N ILE A 148 27.80 -12.02 18.02
CA ILE A 148 28.43 -13.34 17.88
C ILE A 148 28.01 -14.20 19.08
N GLN A 149 27.70 -15.47 18.82
CA GLN A 149 27.05 -16.35 19.78
C GLN A 149 28.01 -17.14 20.68
N GLU A 150 29.29 -17.11 20.36
CA GLU A 150 30.28 -17.96 21.05
C GLU A 150 30.08 -19.41 20.62
N ASP A 151 29.04 -19.63 19.81
CA ASP A 151 28.85 -20.82 18.99
C ASP A 151 30.02 -21.18 18.04
N GLY A 152 30.66 -20.22 17.36
CA GLY A 152 30.35 -18.78 17.33
C GLY A 152 29.76 -18.27 16.01
N SER A 153 28.58 -18.79 15.66
CA SER A 153 27.77 -18.23 14.61
C SER A 153 27.31 -16.79 14.97
N ILE A 154 26.81 -16.04 14.00
CA ILE A 154 26.39 -14.68 14.28
C ILE A 154 24.86 -14.60 14.28
N LYS A 155 24.30 -13.99 15.31
CA LYS A 155 22.87 -13.82 15.37
C LYS A 155 22.58 -12.43 14.85
N LYS A 156 21.76 -12.39 13.79
CA LYS A 156 21.35 -11.15 13.16
C LYS A 156 20.07 -10.76 13.85
N LYS A 157 19.91 -9.48 14.16
CA LYS A 157 18.60 -9.04 14.60
C LYS A 157 18.20 -7.65 14.12
N VAL A 158 16.91 -7.47 13.97
CA VAL A 158 16.39 -6.20 13.54
C VAL A 158 15.47 -5.64 14.61
N ARG A 159 15.87 -4.52 15.20
CA ARG A 159 15.01 -3.77 16.08
C ARG A 159 14.21 -2.82 15.19
N GLU A 160 12.98 -3.22 14.83
CA GLU A 160 12.11 -2.39 13.97
C GLU A 160 12.02 -0.96 14.46
N ASN A 161 12.10 -0.03 13.52
CA ASN A 161 11.90 1.39 13.81
C ASN A 161 10.45 1.75 13.48
N PHE A 162 9.55 0.82 13.72
CA PHE A 162 8.15 1.00 13.38
C PHE A 162 7.32 0.07 14.25
N ASP A 163 6.03 0.34 14.32
CA ASP A 163 5.17 -0.33 15.26
C ASP A 163 4.39 -1.43 14.59
N PHE A 164 5.06 -2.29 13.82
CA PHE A 164 4.38 -3.48 13.28
C PHE A 164 5.37 -4.62 13.12
N PHE A 165 4.92 -5.83 13.36
CA PHE A 165 5.78 -6.99 13.34
C PHE A 165 6.35 -7.17 11.95
N ASN A 166 7.63 -7.48 11.92
CA ASN A 166 8.37 -7.62 10.68
C ASN A 166 8.07 -8.97 9.99
N TYR A 167 6.81 -9.16 9.57
CA TYR A 167 6.42 -10.36 8.80
C TYR A 167 7.20 -10.38 7.48
N ALA A 168 7.71 -11.56 7.11
CA ALA A 168 8.48 -11.70 5.87
C ALA A 168 8.07 -12.97 5.13
N GLY A 169 8.47 -13.10 3.87
CA GLY A 169 8.13 -14.28 3.08
C GLY A 169 7.61 -13.84 1.71
N VAL A 170 7.03 -14.75 0.95
CA VAL A 170 6.46 -14.38 -0.32
C VAL A 170 4.94 -14.13 -0.05
N HIS A 171 4.60 -12.87 0.23
CA HIS A 171 3.27 -12.52 0.65
C HIS A 171 2.26 -12.49 -0.49
N ARG A 172 2.73 -12.44 -1.74
CA ARG A 172 1.81 -12.22 -2.84
C ARG A 172 2.03 -13.20 -3.99
N PRO A 173 0.97 -13.51 -4.76
CA PRO A 173 1.03 -14.51 -5.83
C PRO A 173 2.23 -14.35 -6.73
N LEU A 174 2.88 -15.47 -7.02
CA LEU A 174 3.95 -15.59 -8.02
C LEU A 174 3.41 -16.27 -9.30
N LYS A 175 3.66 -15.65 -10.44
CA LYS A 175 3.12 -16.14 -11.71
C LYS A 175 4.20 -16.48 -12.69
N LEU A 176 3.99 -17.58 -13.41
CA LEU A 176 4.84 -17.89 -14.55
C LEU A 176 4.09 -17.34 -15.73
N MET A 177 4.73 -16.47 -16.48
CA MET A 177 4.06 -15.67 -17.48
C MET A 177 4.70 -15.85 -18.84
N ILE A 178 3.94 -16.40 -19.79
CA ILE A 178 4.39 -16.54 -21.19
C ILE A 178 3.71 -15.48 -22.02
N ARG A 179 4.51 -14.59 -22.61
CA ARG A 179 3.98 -13.44 -23.33
C ARG A 179 4.79 -13.16 -24.59
N PRO A 180 4.22 -12.41 -25.54
CA PRO A 180 4.92 -11.99 -26.74
C PRO A 180 6.15 -11.16 -26.47
N LYS A 181 7.19 -11.40 -27.28
CA LYS A 181 8.48 -10.71 -27.20
C LYS A 181 8.20 -9.25 -27.34
N ASN A 182 7.41 -8.93 -28.37
CA ASN A 182 6.92 -7.58 -28.59
C ASN A 182 5.54 -7.44 -27.96
N HIS A 183 5.48 -6.81 -26.79
CA HIS A 183 4.23 -6.76 -26.00
C HIS A 183 3.99 -5.33 -25.51
N ILE A 184 2.79 -5.12 -24.96
CA ILE A 184 2.40 -3.87 -24.37
C ILE A 184 3.05 -3.83 -22.99
N PHE A 185 3.96 -2.88 -22.79
CA PHE A 185 4.78 -2.76 -21.59
CA PHE A 185 4.67 -2.88 -21.53
C PHE A 185 4.05 -1.97 -20.49
N ASP A 186 3.31 -0.96 -20.94
CA ASP A 186 2.63 -0.07 -20.02
C ASP A 186 1.51 0.64 -20.71
N ILE A 187 0.46 0.95 -19.95
CA ILE A 187 -0.66 1.74 -20.44
C ILE A 187 -0.93 2.83 -19.38
N THR A 188 -0.93 4.10 -19.78
CA THR A 188 -1.27 5.20 -18.90
C THR A 188 -2.55 5.82 -19.35
N ILE A 189 -3.53 5.91 -18.47
CA ILE A 189 -4.81 6.49 -18.87
C ILE A 189 -5.01 7.87 -18.28
N THR A 190 -5.27 8.85 -19.14
CA THR A 190 -5.42 10.26 -18.76
C THR A 190 -6.77 10.75 -19.28
N SER A 191 -7.44 11.61 -18.52
CA SER A 191 -8.70 12.18 -18.97
C SER A 191 -8.80 13.63 -18.55
N ARG A 192 -9.34 14.46 -19.43
CA ARG A 192 -9.77 15.80 -19.06
C ARG A 192 -11.29 15.82 -19.13
N LEU A 193 -11.94 15.97 -17.97
CA LEU A 193 -13.39 16.07 -17.91
C LEU A 193 -13.86 17.47 -18.36
N SER A 194 -15.05 17.54 -18.94
CA SER A 194 -15.64 18.78 -19.42
C SER A 194 -16.09 19.71 -18.29
N ASP A 195 -16.29 20.98 -18.62
CA ASP A 195 -16.81 22.00 -17.68
C ASP A 195 -17.92 21.50 -16.77
N ASP A 196 -18.89 20.79 -17.33
CA ASP A 196 -20.02 20.36 -16.56
C ASP A 196 -19.88 18.94 -16.05
N LEU A 197 -18.68 18.37 -16.19
CA LEU A 197 -18.38 16.99 -15.80
C LEU A 197 -19.22 15.92 -16.51
N GLN A 198 -19.53 16.11 -17.79
CA GLN A 198 -20.39 15.13 -18.44
C GLN A 198 -19.70 14.39 -19.55
N SER A 199 -18.56 14.91 -19.95
CA SER A 199 -17.82 14.29 -21.00
C SER A 199 -16.35 14.26 -20.65
N ALA A 200 -15.61 13.46 -21.38
CA ALA A 200 -14.25 13.20 -21.04
C ALA A 200 -13.48 13.04 -22.34
N ASP A 201 -12.38 13.78 -22.41
CA ASP A 201 -11.40 13.65 -23.46
C ASP A 201 -10.29 12.73 -22.93
N LEU A 202 -10.20 11.54 -23.50
CA LEU A 202 -9.33 10.48 -23.04
C LEU A 202 -8.07 10.41 -23.87
N HIS A 203 -6.97 10.15 -23.21
CA HIS A 203 -5.71 9.96 -23.88
C HIS A 203 -5.15 8.63 -23.37
N PHE A 204 -5.02 7.62 -24.23
CA PHE A 204 -4.40 6.34 -23.86
C PHE A 204 -2.97 6.24 -24.36
N LEU A 205 -2.03 6.32 -23.44
CA LEU A 205 -0.63 6.33 -23.80
C LEU A 205 -0.02 4.92 -23.67
N VAL A 206 0.18 4.26 -24.80
CA VAL A 206 0.62 2.85 -24.80
C VAL A 206 2.12 2.72 -25.07
N GLU A 207 2.84 2.06 -24.17
CA GLU A 207 4.26 1.83 -24.36
C GLU A 207 4.55 0.43 -24.90
N THR A 208 5.47 0.37 -25.85
CA THR A 208 5.88 -0.88 -26.50
C THR A 208 7.41 -0.94 -26.47
N ASN A 209 7.99 -2.09 -26.74
CA ASN A 209 9.46 -2.14 -26.82
C ASN A 209 9.91 -2.07 -28.26
N GLN A 210 9.03 -2.51 -29.16
CA GLN A 210 9.35 -2.69 -30.57
C GLN A 210 8.35 -1.96 -31.42
N LYS A 211 8.63 -1.88 -32.72
CA LYS A 211 7.74 -1.21 -33.68
C LYS A 211 6.40 -1.89 -33.65
N VAL A 212 5.33 -1.10 -33.75
CA VAL A 212 3.97 -1.64 -33.99
C VAL A 212 3.29 -0.92 -35.14
N ASP A 213 2.53 -1.66 -35.92
CA ASP A 213 1.87 -1.05 -37.05
C ASP A 213 0.63 -0.31 -36.62
N GLU A 214 -0.16 -0.90 -35.72
CA GLU A 214 -1.41 -0.28 -35.34
C GLU A 214 -1.69 -0.53 -33.89
N VAL A 215 -2.23 0.49 -33.20
CA VAL A 215 -2.65 0.35 -31.81
C VAL A 215 -4.16 0.61 -31.65
N ARG A 216 -5.00 -0.42 -31.63
CA ARG A 216 -6.47 -0.19 -31.50
C ARG A 216 -6.91 -0.22 -30.04
N ILE A 217 -7.65 0.77 -29.58
CA ILE A 217 -8.15 0.76 -28.21
C ILE A 217 -9.68 0.73 -28.22
N SER A 218 -10.25 -0.27 -27.57
CA SER A 218 -11.70 -0.41 -27.53
C SER A 218 -12.11 -0.29 -26.09
N VAL A 219 -12.99 0.66 -25.82
CA VAL A 219 -13.46 0.94 -24.48
C VAL A 219 -14.84 0.37 -24.33
N PHE A 220 -15.06 -0.29 -23.18
CA PHE A 220 -16.35 -0.88 -22.87
C PHE A 220 -16.82 -0.37 -21.52
N ASP A 221 -18.13 -0.20 -21.39
CA ASP A 221 -18.73 0.26 -20.14
C ASP A 221 -19.07 -0.94 -19.28
N GLU A 222 -19.74 -0.72 -18.15
CA GLU A 222 -19.93 -1.80 -17.16
C GLU A 222 -20.84 -2.92 -17.64
N ASP A 223 -21.51 -2.67 -18.76
CA ASP A 223 -22.40 -3.62 -19.38
C ASP A 223 -21.71 -4.33 -20.54
N ASN A 224 -20.38 -4.16 -20.62
CA ASN A 224 -19.52 -4.66 -21.70
C ASN A 224 -19.95 -4.18 -23.07
N LYS A 225 -20.68 -3.08 -23.14
CA LYS A 225 -21.07 -2.53 -24.43
C LYS A 225 -19.96 -1.58 -24.96
N LEU A 226 -19.63 -1.70 -26.24
CA LEU A 226 -18.62 -0.80 -26.88
C LEU A 226 -19.09 0.65 -26.88
N VAL A 227 -18.33 1.57 -26.31
CA VAL A 227 -18.73 2.99 -26.34
C VAL A 227 -17.72 3.89 -27.02
N GLY A 228 -16.55 3.38 -27.32
CA GLY A 228 -15.53 4.16 -28.02
C GLY A 228 -14.43 3.28 -28.58
N GLU A 229 -13.78 3.78 -29.62
CA GLU A 229 -12.70 3.06 -30.29
C GLU A 229 -11.76 4.08 -30.91
N THR A 230 -10.45 3.85 -30.77
CA THR A 230 -9.50 4.74 -31.41
C THR A 230 -8.24 4.02 -31.88
N LYS A 231 -7.60 4.60 -32.89
CA LYS A 231 -6.36 4.10 -33.44
C LYS A 231 -5.29 5.15 -33.34
N ASP A 232 -5.59 6.24 -32.64
CA ASP A 232 -4.65 7.37 -32.53
C ASP A 232 -4.33 7.77 -31.09
N SER A 233 -4.75 6.94 -30.15
CA SER A 233 -4.54 7.19 -28.72
C SER A 233 -5.55 8.18 -28.10
N ARG A 234 -6.38 8.82 -28.93
CA ARG A 234 -7.35 9.79 -28.46
C ARG A 234 -8.79 9.35 -28.62
N LEU A 235 -9.59 9.63 -27.60
CA LEU A 235 -10.96 9.23 -27.59
C LEU A 235 -11.77 10.26 -26.87
N PHE A 236 -12.87 10.68 -27.46
CA PHE A 236 -13.79 11.53 -26.77
C PHE A 236 -15.05 10.75 -26.37
N LEU A 237 -15.37 10.72 -25.08
CA LEU A 237 -16.55 10.02 -24.61
C LEU A 237 -17.63 11.00 -24.19
N SER A 238 -18.77 10.95 -24.87
CA SER A 238 -19.94 11.75 -24.50
C SER A 238 -20.68 11.10 -23.35
N ASP A 239 -21.15 11.96 -22.46
CA ASP A 239 -22.12 11.52 -21.45
C ASP A 239 -21.71 10.24 -20.69
N VAL A 240 -20.63 10.41 -19.95
CA VAL A 240 -19.98 9.38 -19.20
C VAL A 240 -20.65 9.20 -17.86
N HIS A 241 -20.38 8.06 -17.26
CA HIS A 241 -20.78 7.80 -15.90
C HIS A 241 -19.55 7.98 -15.06
N LEU A 242 -19.64 8.87 -14.08
CA LEU A 242 -18.49 9.17 -13.25
C LEU A 242 -18.29 8.15 -12.19
N TRP A 243 -17.02 7.96 -11.82
CA TRP A 243 -16.65 7.19 -10.65
C TRP A 243 -16.95 8.05 -9.41
N GLU A 244 -17.97 7.67 -8.66
CA GLU A 244 -18.41 8.40 -7.43
C GLU A 244 -18.16 7.57 -6.16
N VAL A 245 -17.86 8.26 -5.06
CA VAL A 245 -17.56 7.62 -3.76
C VAL A 245 -18.68 6.65 -3.36
N LEU A 246 -18.27 5.42 -3.01
CA LEU A 246 -19.18 4.31 -2.72
C LEU A 246 -20.19 4.00 -3.83
N ASN A 247 -19.96 4.54 -5.02
CA ASN A 247 -20.79 4.24 -6.15
C ASN A 247 -19.91 4.22 -7.39
N ALA A 248 -19.11 3.17 -7.54
CA ALA A 248 -18.07 3.11 -8.55
C ALA A 248 -18.64 2.85 -9.92
N TYR A 249 -17.98 3.43 -10.94
CA TYR A 249 -18.25 3.08 -12.33
C TYR A 249 -16.92 2.88 -13.08
N LEU A 250 -16.73 1.70 -13.61
CA LEU A 250 -15.46 1.36 -14.24
C LEU A 250 -15.65 1.07 -15.70
N TYR A 251 -14.84 1.73 -16.50
CA TYR A 251 -14.70 1.36 -17.89
C TYR A 251 -13.51 0.43 -17.98
N THR A 252 -13.45 -0.31 -19.07
CA THR A 252 -12.28 -1.12 -19.29
C THR A 252 -11.76 -0.84 -20.69
N ALA A 253 -10.44 -0.63 -20.80
CA ALA A 253 -9.78 -0.27 -22.06
C ALA A 253 -9.06 -1.49 -22.65
N ARG A 254 -9.67 -2.15 -23.62
CA ARG A 254 -9.01 -3.24 -24.33
C ARG A 254 -8.00 -2.65 -25.33
N VAL A 255 -6.72 -2.93 -25.11
CA VAL A 255 -5.64 -2.44 -25.94
C VAL A 255 -5.08 -3.57 -26.77
N GLU A 256 -5.18 -3.43 -28.08
CA GLU A 256 -4.63 -4.44 -29.02
C GLU A 256 -3.58 -3.80 -29.90
N ILE A 257 -2.43 -4.46 -30.02
CA ILE A 257 -1.37 -4.03 -30.96
C ILE A 257 -1.21 -4.98 -32.13
N PHE A 258 -0.78 -4.42 -33.26
CA PHE A 258 -0.77 -5.14 -34.53
C PHE A 258 0.51 -4.94 -35.30
N VAL A 259 1.05 -6.02 -35.83
CA VAL A 259 2.17 -5.93 -36.74
C VAL A 259 1.83 -6.71 -38.01
N ASP A 260 1.91 -6.03 -39.17
CA ASP A 260 1.72 -6.65 -40.49
C ASP A 260 0.39 -7.39 -40.50
N ASN A 261 -0.66 -6.66 -40.14
CA ASN A 261 -2.06 -7.13 -40.23
C ASN A 261 -2.40 -8.31 -39.32
N GLN A 262 -1.84 -8.35 -38.11
CA GLN A 262 -2.15 -9.42 -37.13
C GLN A 262 -1.81 -9.16 -35.69
N LEU A 263 -2.64 -9.75 -34.81
CA LEU A 263 -2.64 -9.45 -33.39
C LEU A 263 -1.35 -9.88 -32.79
N GLN A 264 -0.62 -8.92 -32.23
CA GLN A 264 0.63 -9.22 -31.54
C GLN A 264 0.44 -9.41 -30.03
N ASP A 265 -0.52 -8.69 -29.46
CA ASP A 265 -0.66 -8.63 -28.02
C ASP A 265 -1.96 -7.91 -27.74
N VAL A 266 -2.64 -8.35 -26.70
CA VAL A 266 -3.88 -7.74 -26.25
C VAL A 266 -3.89 -7.69 -24.72
N TYR A 267 -4.25 -6.53 -24.16
CA TYR A 267 -4.32 -6.31 -22.70
C TYR A 267 -5.58 -5.48 -22.41
N GLU A 268 -6.20 -5.73 -21.26
CA GLU A 268 -7.41 -5.01 -20.79
C GLU A 268 -7.14 -4.27 -19.48
N GLU A 269 -7.18 -2.93 -19.55
CA GLU A 269 -6.87 -2.13 -18.39
C GLU A 269 -8.11 -1.33 -18.00
N ASN A 270 -8.52 -1.41 -16.74
CA ASN A 270 -9.66 -0.64 -16.26
C ASN A 270 -9.27 0.79 -15.90
N PHE A 271 -10.22 1.71 -16.06
CA PHE A 271 -10.05 3.03 -15.53
C PHE A 271 -11.40 3.56 -15.05
N GLY A 272 -11.34 4.63 -14.26
CA GLY A 272 -12.54 5.33 -13.81
C GLY A 272 -12.39 6.82 -13.98
N LEU A 273 -13.50 7.49 -14.18
CA LEU A 273 -13.47 8.92 -14.47
C LEU A 273 -13.89 9.71 -13.26
N ARG A 274 -12.97 10.52 -12.77
CA ARG A 274 -13.26 11.41 -11.66
C ARG A 274 -12.17 12.46 -11.54
N GLU A 275 -12.52 13.59 -10.96
CA GLU A 275 -11.61 14.71 -10.79
C GLU A 275 -11.27 15.02 -9.30
N ILE A 276 -10.00 15.31 -9.02
CA ILE A 276 -9.57 15.57 -7.67
C ILE A 276 -8.98 16.97 -7.65
N GLU A 277 -9.33 17.77 -6.66
CA GLU A 277 -8.68 19.06 -6.47
C GLU A 277 -8.59 19.44 -5.01
N VAL A 278 -7.56 20.22 -4.66
CA VAL A 278 -7.43 20.73 -3.32
C VAL A 278 -7.32 22.26 -3.30
N THR A 279 -8.25 22.93 -2.60
CA THR A 279 -8.31 24.39 -2.51
C THR A 279 -9.18 24.84 -1.35
N ASN A 280 -8.80 25.98 -0.75
CA ASN A 280 -9.58 26.59 0.33
C ASN A 280 -9.85 25.66 1.48
N GLY A 281 -8.85 24.89 1.84
CA GLY A 281 -9.00 24.02 2.96
C GLY A 281 -10.07 22.98 2.69
N GLN A 282 -10.14 22.52 1.44
CA GLN A 282 -11.08 21.48 1.09
C GLN A 282 -10.49 20.45 0.14
N PHE A 283 -11.04 19.24 0.22
CA PHE A 283 -10.69 18.17 -0.67
C PHE A 283 -11.92 17.99 -1.55
N LEU A 284 -11.79 18.41 -2.80
CA LEU A 284 -12.86 18.23 -3.80
C LEU A 284 -12.72 16.91 -4.59
N LEU A 285 -13.80 16.15 -4.67
CA LEU A 285 -13.91 15.03 -5.61
C LEU A 285 -15.07 15.33 -6.54
N ASN A 286 -14.84 15.20 -7.84
CA ASN A 286 -15.85 15.63 -8.83
C ASN A 286 -16.44 16.99 -8.50
N ARG A 287 -15.54 17.90 -8.08
CA ARG A 287 -15.85 19.31 -7.78
C ARG A 287 -16.82 19.50 -6.60
N LYS A 288 -17.01 18.46 -5.80
CA LYS A 288 -17.79 18.57 -4.56
C LYS A 288 -16.87 18.24 -3.40
N PRO A 289 -17.08 18.91 -2.25
CA PRO A 289 -16.25 18.73 -1.06
C PRO A 289 -16.50 17.38 -0.37
N ILE A 290 -15.44 16.60 -0.19
CA ILE A 290 -15.55 15.30 0.45
C ILE A 290 -15.26 15.38 1.96
N TYR A 291 -15.88 14.48 2.72
CA TYR A 291 -15.46 14.25 4.08
C TYR A 291 -14.98 12.80 4.22
N PHE A 292 -13.69 12.62 4.44
CA PHE A 292 -13.15 11.28 4.64
C PHE A 292 -13.63 10.67 5.96
N LYS A 293 -14.20 9.48 5.83
CA LYS A 293 -14.36 8.65 6.99
C LYS A 293 -13.91 7.21 6.72
N GLY A 294 -13.03 6.73 7.61
CA GLY A 294 -12.50 5.39 7.45
C GLY A 294 -11.40 4.98 8.42
N PHE A 295 -10.41 4.26 7.91
CA PHE A 295 -9.48 3.55 8.73
C PHE A 295 -8.07 3.66 8.20
N GLY A 296 -7.10 3.73 9.10
CA GLY A 296 -5.76 3.23 8.80
C GLY A 296 -5.89 1.72 8.91
N LYS A 297 -5.21 1.00 8.03
CA LYS A 297 -5.37 -0.44 7.99
C LYS A 297 -4.01 -1.07 8.15
N HIS A 298 -3.98 -2.39 8.12
CA HIS A 298 -2.76 -3.13 7.92
C HIS A 298 -3.10 -4.34 7.08
N GLU A 299 -2.14 -4.83 6.31
CA GLU A 299 -2.31 -6.13 5.71
C GLU A 299 -1.85 -7.07 6.76
N ASP A 300 -2.79 -7.54 7.58
CA ASP A 300 -2.48 -8.38 8.74
C ASP A 300 -3.66 -9.27 9.05
N THR A 301 -3.37 -10.50 9.44
CA THR A 301 -4.41 -11.50 9.63
C THR A 301 -3.76 -12.63 10.39
N PHE A 302 -4.53 -13.36 11.20
CA PHE A 302 -4.02 -14.57 11.88
C PHE A 302 -3.50 -15.57 10.86
N ILE A 303 -2.50 -16.35 11.25
CA ILE A 303 -1.92 -17.41 10.40
C ILE A 303 -1.08 -16.81 9.27
N ASN A 304 -1.73 -16.12 8.34
CA ASN A 304 -1.07 -15.63 7.13
C ASN A 304 -0.17 -14.43 7.29
N GLY A 305 -0.26 -13.75 8.43
CA GLY A 305 0.56 -12.56 8.70
C GLY A 305 0.31 -11.50 7.65
N ARG A 306 1.32 -11.18 6.86
CA ARG A 306 1.21 -10.13 5.87
C ARG A 306 0.88 -10.74 4.49
N GLY A 307 0.77 -12.05 4.41
CA GLY A 307 0.36 -12.71 3.18
C GLY A 307 -1.01 -12.28 2.69
N LEU A 308 -1.21 -12.37 1.38
CA LEU A 308 -2.44 -11.92 0.73
C LEU A 308 -3.59 -12.84 1.08
N ASN A 309 -4.68 -12.26 1.55
CA ASN A 309 -5.94 -13.02 1.76
C ASN A 309 -7.09 -12.22 1.16
N GLU A 310 -7.45 -12.53 -0.08
CA GLU A 310 -8.44 -11.72 -0.79
C GLU A 310 -9.78 -11.68 -0.06
N ALA A 311 -10.06 -12.71 0.74
CA ALA A 311 -11.33 -12.78 1.46
C ALA A 311 -11.36 -11.81 2.66
N ALA A 312 -10.20 -11.54 3.25
CA ALA A 312 -10.08 -10.54 4.30
C ALA A 312 -10.23 -9.16 3.68
N ASN A 313 -9.74 -8.97 2.46
CA ASN A 313 -9.88 -7.66 1.81
C ASN A 313 -11.36 -7.31 1.67
N LEU A 314 -12.12 -8.31 1.24
CA LEU A 314 -13.52 -8.15 0.96
C LEU A 314 -14.35 -8.05 2.25
N MET A 315 -13.97 -8.79 3.27
CA MET A 315 -14.75 -8.77 4.48
C MET A 315 -14.56 -7.39 5.14
N ASP A 316 -13.33 -6.88 5.12
CA ASP A 316 -13.02 -5.55 5.62
C ASP A 316 -13.81 -4.50 4.83
N LEU A 317 -13.70 -4.55 3.51
CA LEU A 317 -14.36 -3.57 2.67
C LEU A 317 -15.88 -3.60 2.84
N ASN A 318 -16.46 -4.80 2.94
CA ASN A 318 -17.91 -4.91 3.24
C ASN A 318 -18.29 -4.23 4.54
N LEU A 319 -17.49 -4.43 5.59
CA LEU A 319 -17.69 -3.82 6.89
C LEU A 319 -17.53 -2.30 6.81
N LEU A 320 -16.48 -1.86 6.13
CA LEU A 320 -16.22 -0.44 5.91
C LEU A 320 -17.45 0.23 5.36
N LYS A 321 -18.01 -0.33 4.31
CA LYS A 321 -19.11 0.32 3.66
C LYS A 321 -20.40 0.18 4.44
N ASP A 322 -20.58 -0.93 5.15
CA ASP A 322 -21.72 -1.08 6.01
C ASP A 322 -21.71 -0.05 7.13
N MET A 323 -20.53 0.39 7.54
CA MET A 323 -20.40 1.32 8.63
C MET A 323 -20.70 2.76 8.20
N GLY A 324 -20.75 2.98 6.89
CA GLY A 324 -20.92 4.32 6.38
C GLY A 324 -19.59 4.98 6.13
N ALA A 325 -18.49 4.21 6.26
CA ALA A 325 -17.16 4.74 5.95
C ALA A 325 -16.93 4.84 4.43
N ASN A 326 -15.85 5.50 4.02
CA ASN A 326 -15.62 5.66 2.57
C ASN A 326 -14.14 5.63 2.16
N SER A 327 -13.25 5.43 3.11
CA SER A 327 -11.84 5.44 2.73
C SER A 327 -10.91 4.63 3.64
N PHE A 328 -9.66 4.55 3.23
CA PHE A 328 -8.64 3.99 4.09
C PHE A 328 -7.26 4.32 3.50
N ARG A 329 -6.23 4.15 4.33
CA ARG A 329 -4.86 4.46 3.97
C ARG A 329 -4.15 3.14 3.96
N THR A 330 -3.20 2.97 3.06
CA THR A 330 -2.46 1.73 3.02
C THR A 330 -1.28 1.91 3.95
N SER A 331 -1.55 1.89 5.23
CA SER A 331 -0.45 2.02 6.19
C SER A 331 0.18 0.65 6.47
N HIS A 332 1.52 0.56 6.49
CA HIS A 332 2.47 1.64 6.13
C HIS A 332 3.34 1.24 4.95
N TYR A 333 2.71 0.84 3.85
CA TYR A 333 3.36 0.21 2.71
C TYR A 333 2.28 -0.04 1.66
N PRO A 334 2.67 -0.12 0.37
CA PRO A 334 1.65 -0.42 -0.64
C PRO A 334 0.94 -1.77 -0.37
N TYR A 335 -0.38 -1.77 -0.42
CA TYR A 335 -1.14 -3.01 -0.38
C TYR A 335 -1.02 -3.77 -1.69
N SER A 336 -1.63 -4.96 -1.74
CA SER A 336 -1.57 -5.81 -2.92
C SER A 336 -2.39 -5.18 -4.04
N GLU A 337 -2.05 -5.52 -5.28
CA GLU A 337 -2.84 -5.06 -6.42
C GLU A 337 -4.33 -5.46 -6.25
N GLU A 338 -4.55 -6.65 -5.73
CA GLU A 338 -5.87 -7.20 -5.53
C GLU A 338 -6.73 -6.29 -4.74
N MET A 339 -6.20 -5.77 -3.62
CA MET A 339 -6.93 -4.82 -2.79
C MET A 339 -7.25 -3.53 -3.56
N MET A 340 -6.30 -3.05 -4.39
CA MET A 340 -6.54 -1.82 -5.15
C MET A 340 -7.68 -1.97 -6.16
N ARG A 341 -7.65 -3.07 -6.89
CA ARG A 341 -8.70 -3.37 -7.84
C ARG A 341 -10.06 -3.51 -7.16
N LEU A 342 -10.04 -3.91 -5.88
CA LEU A 342 -11.28 -4.12 -5.16
C LEU A 342 -11.82 -2.75 -4.71
N ALA A 343 -10.92 -1.88 -4.25
CA ALA A 343 -11.34 -0.54 -3.84
C ALA A 343 -11.95 0.20 -5.01
N ASP A 344 -11.38 0.02 -6.20
CA ASP A 344 -11.92 0.62 -7.41
C ASP A 344 -13.35 0.11 -7.68
N ARG A 345 -13.53 -1.19 -7.51
CA ARG A 345 -14.79 -1.83 -7.83
CA ARG A 345 -14.78 -1.82 -7.83
C ARG A 345 -15.86 -1.42 -6.84
N MET A 346 -15.46 -1.09 -5.62
CA MET A 346 -16.39 -0.71 -4.57
C MET A 346 -16.55 0.80 -4.31
N GLY A 347 -15.71 1.61 -4.90
CA GLY A 347 -15.82 3.03 -4.74
C GLY A 347 -15.20 3.56 -3.49
N VAL A 348 -14.28 2.82 -2.92
CA VAL A 348 -13.63 3.26 -1.70
C VAL A 348 -12.43 4.14 -2.01
N LEU A 349 -12.28 5.27 -1.32
CA LEU A 349 -11.12 6.18 -1.50
C LEU A 349 -9.91 5.60 -0.81
N VAL A 350 -8.73 5.79 -1.39
CA VAL A 350 -7.53 5.15 -0.90
C VAL A 350 -6.45 6.19 -0.87
N ILE A 351 -5.80 6.30 0.29
CA ILE A 351 -4.57 7.06 0.43
C ILE A 351 -3.41 6.04 0.34
N ASP A 352 -2.60 6.19 -0.71
CA ASP A 352 -1.64 5.19 -1.13
C ASP A 352 -0.25 5.60 -0.67
N GLU A 353 0.39 4.77 0.16
CA GLU A 353 1.68 5.18 0.71
C GLU A 353 2.85 4.26 0.49
N VAL A 354 4.04 4.84 0.35
CA VAL A 354 5.28 4.08 0.28
C VAL A 354 5.82 3.70 1.65
N PRO A 355 6.71 2.71 1.71
CA PRO A 355 7.04 2.20 3.06
C PRO A 355 7.97 3.14 3.83
N ALA A 356 7.77 4.45 3.74
CA ALA A 356 8.72 5.36 4.38
C ALA A 356 8.33 5.62 5.83
N VAL A 357 8.37 4.56 6.62
CA VAL A 357 8.15 4.65 8.04
C VAL A 357 9.43 4.27 8.78
N GLY A 358 9.75 5.04 9.79
CA GLY A 358 10.92 4.75 10.60
C GLY A 358 11.99 5.79 10.41
N LEU A 359 11.67 6.90 9.74
CA LEU A 359 12.68 7.91 9.43
C LEU A 359 12.88 8.85 10.60
N PHE A 360 13.55 8.38 11.63
CA PHE A 360 13.61 9.01 12.94
C PHE A 360 14.71 8.31 13.71
N GLN A 361 15.69 9.02 14.18
CA GLN A 361 16.77 8.46 14.93
C GLN A 361 16.36 8.19 16.37
N ASN A 362 16.43 6.91 16.70
CA ASN A 362 16.01 6.29 17.95
C ASN A 362 14.56 6.37 18.34
N ASP A 373 25.31 13.24 22.29
CA ASP A 373 24.65 11.95 22.05
C ASP A 373 25.42 10.98 21.14
N ASN A 374 25.22 10.95 19.83
CA ASN A 374 24.45 11.87 19.01
C ASN A 374 24.53 11.37 17.55
N GLY A 375 24.32 12.26 16.58
CA GLY A 375 24.37 11.87 15.18
C GLY A 375 25.12 12.86 14.32
N THR A 376 26.40 12.62 14.10
CA THR A 376 27.21 13.48 13.28
C THR A 376 27.33 12.86 11.91
N TRP A 377 27.36 11.53 11.89
CA TRP A 377 27.62 10.75 10.69
C TRP A 377 26.37 10.35 9.93
N ASN A 378 26.48 10.18 8.60
CA ASN A 378 25.30 9.96 7.75
C ASN A 378 24.75 8.54 7.87
N LEU A 379 23.80 8.34 8.79
CA LEU A 379 23.27 7.02 9.10
C LEU A 379 21.98 6.68 8.33
N MET A 380 21.14 7.69 8.06
CA MET A 380 19.93 7.56 7.24
C MET A 380 20.20 7.53 5.72
N GLN A 381 20.63 6.37 5.21
CA GLN A 381 20.93 6.21 3.78
C GLN A 381 19.70 5.71 3.02
N THR A 382 18.58 6.35 3.25
CA THR A 382 17.33 5.81 2.75
C THR A 382 16.93 6.36 1.38
N LYS A 383 17.63 7.36 0.86
CA LYS A 383 17.18 8.10 -0.30
C LYS A 383 16.96 7.23 -1.54
N ALA A 384 17.91 6.37 -1.86
CA ALA A 384 17.75 5.51 -3.03
C ALA A 384 16.46 4.68 -3.00
N ALA A 385 16.27 3.95 -1.90
CA ALA A 385 15.13 3.08 -1.68
C ALA A 385 13.81 3.87 -1.75
N HIS A 386 13.88 5.13 -1.34
CA HIS A 386 12.74 6.00 -1.24
C HIS A 386 12.33 6.40 -2.66
N GLU A 387 13.31 6.79 -3.45
CA GLU A 387 13.09 7.13 -4.84
C GLU A 387 12.55 5.96 -5.61
N GLN A 388 13.10 4.77 -5.39
CA GLN A 388 12.61 3.58 -6.06
C GLN A 388 11.18 3.22 -5.65
N ALA A 389 10.88 3.27 -4.36
CA ALA A 389 9.55 3.01 -3.85
C ALA A 389 8.50 3.89 -4.52
N ILE A 390 8.81 5.19 -4.57
CA ILE A 390 7.95 6.14 -5.20
C ILE A 390 7.71 5.83 -6.70
N GLN A 391 8.77 5.52 -7.44
CA GLN A 391 8.61 5.19 -8.86
C GLN A 391 7.73 3.96 -9.06
N GLU A 392 8.00 2.92 -8.28
CA GLU A 392 7.27 1.67 -8.41
C GLU A 392 5.79 1.83 -8.04
N LEU A 393 5.51 2.59 -6.99
CA LEU A 393 4.11 2.71 -6.60
C LEU A 393 3.31 3.50 -7.62
N VAL A 394 3.87 4.59 -8.11
CA VAL A 394 3.19 5.43 -9.07
C VAL A 394 2.98 4.65 -10.36
N LYS A 395 4.02 3.94 -10.82
CA LYS A 395 3.93 3.12 -12.05
C LYS A 395 2.94 1.97 -11.93
N ARG A 396 2.87 1.34 -10.77
CA ARG A 396 1.89 0.31 -10.50
C ARG A 396 0.44 0.86 -10.37
N ASP A 397 0.28 2.00 -9.67
CA ASP A 397 -1.04 2.38 -9.15
C ASP A 397 -1.71 3.60 -9.79
N LYS A 398 -1.01 4.27 -10.71
CA LYS A 398 -1.48 5.54 -11.25
C LYS A 398 -2.84 5.49 -11.93
N ASN A 399 -3.25 4.33 -12.45
CA ASN A 399 -4.52 4.28 -13.16
C ASN A 399 -5.74 4.06 -12.27
N HIS A 400 -5.53 3.74 -10.99
CA HIS A 400 -6.64 3.47 -10.04
C HIS A 400 -7.43 4.71 -9.67
N PRO A 401 -8.73 4.71 -9.98
CA PRO A 401 -9.55 5.87 -9.68
C PRO A 401 -9.65 6.05 -8.17
N SER A 402 -9.46 4.95 -7.43
CA SER A 402 -9.58 4.96 -5.99
C SER A 402 -8.42 5.68 -5.29
N VAL A 403 -7.26 5.71 -5.94
CA VAL A 403 -6.10 6.43 -5.40
C VAL A 403 -6.29 7.92 -5.60
N VAL A 404 -6.49 8.62 -4.48
CA VAL A 404 -6.78 10.05 -4.52
C VAL A 404 -5.63 10.87 -3.96
N MET A 405 -4.69 10.24 -3.28
CA MET A 405 -3.57 10.97 -2.67
C MET A 405 -2.39 10.03 -2.41
N TRP A 406 -1.18 10.59 -2.47
CA TRP A 406 0.08 9.90 -2.15
C TRP A 406 0.63 10.36 -0.80
N VAL A 407 1.27 9.44 -0.08
CA VAL A 407 1.98 9.78 1.14
C VAL A 407 3.49 9.58 0.91
N VAL A 408 4.31 10.58 1.23
CA VAL A 408 5.78 10.48 1.14
C VAL A 408 6.40 9.80 2.35
N ALA A 409 5.88 10.01 3.54
CA ALA A 409 6.43 9.34 4.71
C ALA A 409 5.41 9.29 5.78
N ASN A 410 5.54 8.31 6.66
CA ASN A 410 4.75 8.28 7.88
C ASN A 410 5.63 8.59 9.08
N GLU A 411 5.31 9.70 9.74
CA GLU A 411 5.95 10.07 11.01
C GLU A 411 7.46 10.14 10.89
N PRO A 412 7.95 10.81 9.84
CA PRO A 412 9.39 11.08 9.83
C PRO A 412 9.75 12.17 10.85
N ALA A 413 11.05 12.35 11.12
CA ALA A 413 11.49 13.46 11.98
C ALA A 413 11.46 14.79 11.21
N SER A 414 10.28 15.33 11.02
CA SER A 414 10.10 16.46 10.10
C SER A 414 10.36 17.79 10.79
N HIS A 415 10.72 17.72 12.07
CA HIS A 415 11.01 18.91 12.86
C HIS A 415 12.53 19.15 12.99
N GLU A 416 13.35 18.21 12.51
CA GLU A 416 14.81 18.28 12.64
C GLU A 416 15.44 18.90 11.41
N ALA A 417 16.58 19.55 11.59
CA ALA A 417 17.32 20.15 10.48
C ALA A 417 17.70 19.12 9.39
N GLY A 418 17.54 19.51 8.13
CA GLY A 418 17.77 18.61 7.01
C GLY A 418 16.51 17.93 6.48
N ALA A 419 15.39 17.98 7.23
CA ALA A 419 14.13 17.33 6.81
C ALA A 419 13.57 17.88 5.51
N HIS A 420 13.39 19.20 5.47
CA HIS A 420 12.95 19.86 4.26
C HIS A 420 13.71 19.38 3.03
N ASP A 421 15.04 19.46 3.05
CA ASP A 421 15.85 19.12 1.89
C ASP A 421 15.82 17.66 1.48
N TYR A 422 15.44 16.79 2.39
CA TYR A 422 15.27 15.40 2.05
C TYR A 422 13.97 15.23 1.31
N PHE A 423 12.92 15.93 1.72
CA PHE A 423 11.59 15.65 1.19
C PHE A 423 11.24 16.46 -0.06
N GLU A 424 11.79 17.67 -0.13
CA GLU A 424 11.63 18.54 -1.30
CA GLU A 424 11.66 18.54 -1.30
C GLU A 424 11.75 17.78 -2.63
N PRO A 425 12.87 17.06 -2.87
CA PRO A 425 12.93 16.34 -4.16
C PRO A 425 11.98 15.14 -4.26
N LEU A 426 11.65 14.50 -3.15
CA LEU A 426 10.77 13.33 -3.16
C LEU A 426 9.32 13.71 -3.46
N VAL A 427 8.89 14.83 -2.91
CA VAL A 427 7.56 15.36 -3.24
C VAL A 427 7.47 15.75 -4.72
N LYS A 428 8.54 16.33 -5.26
CA LYS A 428 8.63 16.68 -6.69
CA LYS A 428 8.53 16.69 -6.67
C LYS A 428 8.46 15.42 -7.54
N LEU A 429 9.06 14.33 -7.06
CA LEU A 429 9.07 13.08 -7.77
C LEU A 429 7.66 12.54 -7.99
N TYR A 430 6.82 12.61 -6.95
CA TYR A 430 5.44 12.21 -7.09
C TYR A 430 4.75 13.04 -8.18
N LYS A 431 4.89 14.37 -8.10
CA LYS A 431 4.37 15.28 -9.11
C LYS A 431 4.85 14.97 -10.50
N ASP A 432 6.17 14.80 -10.64
CA ASP A 432 6.74 14.50 -11.94
C ASP A 432 6.30 13.18 -12.53
N LEU A 433 5.89 12.24 -11.69
CA LEU A 433 5.58 10.89 -12.15
C LEU A 433 4.12 10.63 -12.32
N ASP A 434 3.29 11.36 -11.58
CA ASP A 434 1.86 11.11 -11.60
C ASP A 434 1.18 11.88 -12.69
N PRO A 435 0.69 11.18 -13.72
CA PRO A 435 0.01 11.87 -14.82
C PRO A 435 -1.15 12.71 -14.29
N GLN A 436 -1.74 12.31 -13.17
CA GLN A 436 -2.91 13.01 -12.67
C GLN A 436 -2.53 14.10 -11.71
N LYS A 437 -1.24 14.17 -11.36
CA LYS A 437 -0.75 15.14 -10.35
C LYS A 437 -1.69 15.19 -9.14
N ARG A 438 -1.92 14.04 -8.51
CA ARG A 438 -2.72 13.98 -7.29
C ARG A 438 -2.02 14.65 -6.12
N PRO A 439 -2.79 14.99 -5.08
CA PRO A 439 -2.13 15.60 -3.91
C PRO A 439 -1.14 14.64 -3.29
N VAL A 440 -0.04 15.17 -2.78
CA VAL A 440 0.82 14.38 -1.94
C VAL A 440 0.80 14.94 -0.53
N THR A 441 0.84 14.05 0.45
CA THR A 441 0.83 14.48 1.85
C THR A 441 2.00 13.93 2.61
N LEU A 442 2.12 14.38 3.85
CA LEU A 442 3.09 13.84 4.73
C LEU A 442 2.37 13.62 6.07
N VAL A 443 2.49 12.41 6.62
CA VAL A 443 1.84 12.10 7.90
C VAL A 443 2.75 12.47 9.07
N ASN A 444 2.23 13.30 9.97
CA ASN A 444 3.03 14.00 10.95
C ASN A 444 2.88 13.46 12.39
N ILE A 445 4.01 13.23 13.07
CA ILE A 445 4.08 12.87 14.51
C ILE A 445 3.90 14.08 15.41
N LEU A 446 3.36 13.80 16.61
CA LEU A 446 3.14 14.79 17.69
C LEU A 446 4.33 15.66 18.08
N MET A 447 5.54 15.10 18.03
CA MET A 447 6.75 15.86 18.31
C MET A 447 6.88 17.06 17.36
N ALA A 448 6.56 16.85 16.08
CA ALA A 448 6.68 17.88 15.07
C ALA A 448 5.43 18.76 15.09
N THR A 449 5.45 19.74 15.98
CA THR A 449 4.31 20.62 16.23
C THR A 449 4.37 21.77 15.23
N PRO A 450 3.25 22.48 14.98
CA PRO A 450 3.22 23.57 13.97
C PRO A 450 4.46 24.47 13.88
N ASP A 451 4.94 24.97 15.01
CA ASP A 451 6.17 25.79 15.10
C ASP A 451 7.46 25.04 14.69
N ARG A 452 7.64 23.84 15.24
CA ARG A 452 8.84 23.03 15.03
C ARG A 452 8.94 22.49 13.61
N ASP A 453 7.82 21.98 13.09
CA ASP A 453 7.79 21.28 11.81
C ASP A 453 8.34 22.14 10.67
N GLN A 454 9.01 21.52 9.70
CA GLN A 454 9.62 22.28 8.62
C GLN A 454 9.40 21.65 7.25
N VAL A 455 8.41 20.78 7.15
CA VAL A 455 8.18 20.02 5.92
C VAL A 455 6.82 20.30 5.33
N MET A 456 5.87 20.67 6.17
CA MET A 456 4.48 20.74 5.76
C MET A 456 4.19 21.81 4.72
N ASP A 457 5.08 22.76 4.50
CA ASP A 457 4.85 23.74 3.43
C ASP A 457 4.90 23.08 2.06
N LEU A 458 5.62 21.98 1.98
CA LEU A 458 5.84 21.28 0.72
C LEU A 458 4.63 20.48 0.21
N VAL A 459 3.67 20.23 1.10
CA VAL A 459 2.60 19.29 0.79
C VAL A 459 1.25 19.97 0.60
N ASP A 460 0.32 19.22 0.03
CA ASP A 460 -0.98 19.72 -0.38
C ASP A 460 -2.02 19.60 0.73
N VAL A 461 -1.91 18.55 1.56
CA VAL A 461 -2.87 18.23 2.58
C VAL A 461 -2.14 17.92 3.88
N VAL A 462 -2.63 18.46 4.99
CA VAL A 462 -2.04 18.19 6.28
C VAL A 462 -2.59 16.92 6.93
N CYS A 463 -1.75 15.91 7.07
CA CYS A 463 -2.19 14.69 7.79
C CYS A 463 -1.53 14.58 9.15
N LEU A 464 -2.34 14.34 10.17
CA LEU A 464 -1.85 14.29 11.56
C LEU A 464 -2.22 13.00 12.26
N ASN A 465 -1.25 12.38 12.93
CA ASN A 465 -1.56 11.32 13.89
C ASN A 465 -1.51 11.93 15.28
N ARG A 466 -2.66 11.93 15.95
CA ARG A 466 -2.78 12.59 17.27
C ARG A 466 -3.51 11.72 18.25
N TYR A 467 -2.96 11.65 19.46
CA TYR A 467 -3.45 10.75 20.50
C TYR A 467 -3.60 11.46 21.82
N TYR A 468 -4.21 12.64 21.83
CA TYR A 468 -4.51 13.31 23.09
C TYR A 468 -5.61 12.55 23.79
N GLY A 469 -5.30 12.09 25.01
CA GLY A 469 -6.21 11.24 25.79
C GLY A 469 -5.70 9.80 25.83
N TRP A 470 -4.69 9.50 25.01
CA TRP A 470 -4.02 8.22 25.05
C TRP A 470 -2.51 8.33 25.32
N TYR A 471 -1.74 9.03 24.50
CA TYR A 471 -0.29 9.15 24.79
C TYR A 471 0.02 10.40 25.58
N VAL A 472 -0.70 11.46 25.28
CA VAL A 472 -0.60 12.72 26.03
C VAL A 472 -1.91 12.86 26.80
N ASP A 473 -1.82 13.23 28.09
CA ASP A 473 -3.02 13.29 28.95
C ASP A 473 -3.72 11.92 29.09
N HIS A 474 -2.95 10.85 29.22
CA HIS A 474 -3.51 9.51 29.21
C HIS A 474 -4.78 9.41 30.06
N GLY A 475 -5.88 8.97 29.46
CA GLY A 475 -7.10 8.70 30.21
C GLY A 475 -7.68 9.95 30.87
N ASP A 476 -7.19 11.12 30.48
CA ASP A 476 -7.71 12.36 31.02
C ASP A 476 -8.34 13.21 29.90
N LEU A 477 -9.59 12.93 29.63
CA LEU A 477 -10.31 13.54 28.50
C LEU A 477 -10.47 15.05 28.63
N THR A 478 -10.75 15.54 29.83
CA THR A 478 -10.95 16.97 30.03
C THR A 478 -9.77 17.75 29.49
N ASN A 479 -8.57 17.37 29.85
CA ASN A 479 -7.41 18.07 29.36
C ASN A 479 -7.01 17.69 27.94
N ALA A 480 -7.36 16.48 27.50
CA ALA A 480 -6.99 16.04 26.18
C ALA A 480 -7.70 16.95 25.22
N GLU A 481 -8.96 17.26 25.54
CA GLU A 481 -9.82 18.04 24.64
C GLU A 481 -9.20 19.39 24.37
N VAL A 482 -8.74 20.07 25.41
CA VAL A 482 -8.12 21.38 25.29
C VAL A 482 -6.86 21.31 24.44
N GLY A 483 -6.12 20.22 24.58
CA GLY A 483 -4.91 20.03 23.82
C GLY A 483 -5.14 19.78 22.34
N ILE A 484 -6.01 18.82 22.03
CA ILE A 484 -6.32 18.55 20.63
C ILE A 484 -6.86 19.79 19.94
N ARG A 485 -7.82 20.47 20.57
CA ARG A 485 -8.39 21.66 19.98
C ARG A 485 -7.32 22.74 19.75
N LYS A 486 -6.48 22.95 20.74
CA LYS A 486 -5.48 23.99 20.67
C LYS A 486 -4.60 23.77 19.43
N GLU A 487 -4.19 22.53 19.22
CA GLU A 487 -3.22 22.26 18.18
C GLU A 487 -3.85 22.34 16.80
N LEU A 488 -5.05 21.81 16.64
CA LEU A 488 -5.72 21.92 15.36
C LEU A 488 -5.95 23.36 14.96
N LEU A 489 -6.19 24.25 15.94
CA LEU A 489 -6.33 25.68 15.66
C LEU A 489 -4.99 26.32 15.21
N GLU A 490 -3.88 25.88 15.79
CA GLU A 490 -2.56 26.33 15.35
C GLU A 490 -2.28 25.89 13.94
N TRP A 491 -2.55 24.61 13.62
CA TRP A 491 -2.39 24.10 12.24
C TRP A 491 -3.25 24.86 11.23
N GLN A 492 -4.52 25.03 11.58
CA GLN A 492 -5.43 25.73 10.72
C GLN A 492 -4.88 27.14 10.48
N ASP A 493 -4.35 27.75 11.52
CA ASP A 493 -3.85 29.10 11.38
C ASP A 493 -2.57 29.16 10.54
N LYS A 494 -1.69 28.19 10.70
CA LYS A 494 -0.41 28.27 10.03
C LYS A 494 -0.58 28.01 8.54
N PHE A 495 -1.58 27.19 8.20
CA PHE A 495 -1.87 26.88 6.81
C PHE A 495 -3.35 27.04 6.48
N PRO A 496 -3.82 28.29 6.41
CA PRO A 496 -5.25 28.56 6.20
C PRO A 496 -5.77 27.91 4.92
N ASP A 497 -4.82 27.62 4.03
CA ASP A 497 -5.07 27.09 2.68
C ASP A 497 -5.34 25.57 2.61
N LYS A 498 -4.63 24.79 3.41
CA LYS A 498 -4.57 23.35 3.24
C LYS A 498 -5.63 22.67 4.07
N PRO A 499 -6.19 21.57 3.57
CA PRO A 499 -7.12 20.71 4.31
C PRO A 499 -6.37 19.88 5.32
N ILE A 500 -7.05 19.49 6.39
CA ILE A 500 -6.43 18.69 7.44
C ILE A 500 -7.15 17.37 7.52
N ILE A 501 -6.40 16.29 7.68
CA ILE A 501 -6.98 14.97 7.84
C ILE A 501 -6.31 14.26 9.03
N ILE A 502 -7.13 13.85 9.99
CA ILE A 502 -6.63 13.02 11.08
C ILE A 502 -6.49 11.60 10.54
N THR A 503 -5.22 11.17 10.40
CA THR A 503 -4.90 9.91 9.76
C THR A 503 -4.77 8.80 10.82
N GLU A 504 -4.59 9.21 12.08
CA GLU A 504 -4.54 8.25 13.20
C GLU A 504 -5.06 8.92 14.44
N TYR A 505 -5.98 8.22 15.11
CA TYR A 505 -6.38 8.50 16.50
C TYR A 505 -7.13 7.30 17.01
N GLY A 506 -6.81 6.92 18.24
CA GLY A 506 -7.50 5.78 18.86
C GLY A 506 -6.93 5.43 20.21
N ALA A 507 -7.28 4.25 20.71
CA ALA A 507 -6.99 3.88 22.08
C ALA A 507 -6.95 2.38 22.19
N ASP A 508 -5.87 1.83 22.73
CA ASP A 508 -5.80 0.39 22.91
C ASP A 508 -6.98 -0.14 23.71
N THR A 509 -7.61 -1.21 23.22
CA THR A 509 -8.84 -1.72 23.80
C THR A 509 -8.84 -3.24 23.66
N LEU A 510 -8.89 -3.91 24.81
CA LEU A 510 -8.94 -5.34 24.85
C LEU A 510 -10.37 -5.82 25.04
N PRO A 511 -10.82 -6.72 24.15
CA PRO A 511 -12.22 -7.19 24.21
C PRO A 511 -12.41 -7.92 25.52
N GLY A 512 -13.40 -7.47 26.29
CA GLY A 512 -13.72 -8.13 27.56
C GLY A 512 -13.48 -7.25 28.74
N LEU A 513 -12.62 -6.23 28.56
CA LEU A 513 -12.29 -5.27 29.59
C LEU A 513 -13.38 -4.22 29.68
N HIS A 514 -13.93 -4.09 30.88
CA HIS A 514 -15.13 -3.26 31.14
C HIS A 514 -15.02 -2.46 32.43
N SER A 515 -15.63 -1.28 32.42
CA SER A 515 -15.62 -0.42 33.57
C SER A 515 -16.68 0.63 33.50
N THR A 516 -17.10 1.06 34.67
CA THR A 516 -18.06 2.11 34.83
C THR A 516 -17.34 3.43 34.80
N TRP A 517 -16.02 3.45 35.04
CA TRP A 517 -15.29 4.70 35.31
C TRP A 517 -14.36 5.19 34.20
N ASN A 518 -14.75 5.01 32.94
CA ASN A 518 -14.00 5.53 31.78
C ASN A 518 -12.53 5.16 31.91
N ILE A 519 -12.23 3.86 31.99
CA ILE A 519 -10.87 3.36 32.23
C ILE A 519 -10.16 2.95 30.92
N PRO A 520 -9.08 3.62 30.57
CA PRO A 520 -8.35 3.20 29.38
C PRO A 520 -8.08 1.70 29.33
N TYR A 521 -8.25 1.13 28.13
CA TYR A 521 -8.15 -0.31 27.80
C TYR A 521 -9.53 -1.00 27.85
N THR A 522 -10.47 -0.40 28.56
CA THR A 522 -11.84 -0.91 28.50
C THR A 522 -12.54 -0.51 27.22
N GLU A 523 -13.51 -1.32 26.81
CA GLU A 523 -14.35 -0.96 25.70
C GLU A 523 -15.10 0.39 25.87
N GLU A 524 -15.57 0.68 27.07
CA GLU A 524 -16.28 1.94 27.27
C GLU A 524 -15.41 3.14 27.05
N PHE A 525 -14.13 3.04 27.39
CA PHE A 525 -13.26 4.20 27.24
C PHE A 525 -13.01 4.51 25.78
N GLN A 526 -12.81 3.46 24.99
CA GLN A 526 -12.74 3.61 23.57
C GLN A 526 -13.90 4.49 23.03
N CYS A 527 -15.12 4.15 23.38
CA CYS A 527 -16.24 5.01 23.03
C CYS A 527 -16.08 6.48 23.49
N ASP A 528 -15.74 6.69 24.76
CA ASP A 528 -15.58 8.05 25.33
C ASP A 528 -14.50 8.85 24.61
N PHE A 529 -13.39 8.18 24.31
CA PHE A 529 -12.27 8.78 23.62
C PHE A 529 -12.73 9.34 22.27
N TYR A 530 -13.49 8.56 21.52
CA TYR A 530 -13.92 9.00 20.20
C TYR A 530 -14.98 10.13 20.28
N GLU A 531 -15.87 10.05 21.26
CA GLU A 531 -16.82 11.14 21.48
C GLU A 531 -16.11 12.46 21.68
N MET A 532 -15.16 12.50 22.63
CA MET A 532 -14.37 13.69 22.87
C MET A 532 -13.66 14.16 21.56
N SER A 533 -13.02 13.24 20.85
CA SER A 533 -12.31 13.62 19.64
C SER A 533 -13.25 14.23 18.59
N HIS A 534 -14.41 13.61 18.36
CA HIS A 534 -15.33 14.12 17.34
C HIS A 534 -15.95 15.45 17.72
N ARG A 535 -16.13 15.68 19.01
CA ARG A 535 -16.69 16.94 19.46
C ARG A 535 -15.75 18.06 19.05
N VAL A 536 -14.44 17.86 19.15
CA VAL A 536 -13.45 18.84 18.68
C VAL A 536 -13.45 19.00 17.15
N PHE A 537 -13.29 17.89 16.44
CA PHE A 537 -13.19 17.87 14.98
C PHE A 537 -14.31 18.63 14.32
N ASP A 538 -15.53 18.37 14.79
CA ASP A 538 -16.72 19.02 14.24
C ASP A 538 -16.66 20.56 14.28
N GLY A 539 -15.76 21.13 15.09
CA GLY A 539 -15.63 22.58 15.21
C GLY A 539 -14.39 23.15 14.52
N ILE A 540 -13.65 22.30 13.81
CA ILE A 540 -12.49 22.72 12.99
C ILE A 540 -12.85 22.73 11.47
N PRO A 541 -13.13 23.92 10.92
CA PRO A 541 -13.64 24.09 9.56
C PRO A 541 -12.78 23.44 8.50
N ASN A 542 -11.45 23.48 8.67
CA ASN A 542 -10.55 22.94 7.68
C ASN A 542 -10.25 21.44 7.84
N LEU A 543 -10.85 20.81 8.85
CA LEU A 543 -10.64 19.37 9.04
C LEU A 543 -11.66 18.65 8.20
N VAL A 544 -11.20 17.93 7.18
CA VAL A 544 -12.08 17.37 6.15
C VAL A 544 -12.13 15.87 6.18
N GLY A 545 -11.52 15.27 7.18
CA GLY A 545 -11.53 13.82 7.19
C GLY A 545 -10.98 13.25 8.45
N GLU A 546 -11.44 12.05 8.77
CA GLU A 546 -11.09 11.36 10.01
C GLU A 546 -10.91 9.91 9.71
N GLN A 547 -9.74 9.40 10.02
CA GLN A 547 -9.46 8.00 9.81
C GLN A 547 -8.91 7.42 11.08
N VAL A 548 -9.68 6.49 11.67
CA VAL A 548 -9.31 5.88 12.93
C VAL A 548 -8.07 5.01 12.76
N TRP A 549 -7.30 4.91 13.84
CA TRP A 549 -6.30 3.87 13.96
C TRP A 549 -6.82 2.94 15.03
N ASN A 550 -7.15 1.68 14.72
CA ASN A 550 -6.94 1.05 13.42
C ASN A 550 -8.26 0.38 13.05
N PHE A 551 -8.37 -0.10 11.83
CA PHE A 551 -9.50 -0.95 11.50
C PHE A 551 -9.54 -2.15 12.45
N ALA A 552 -8.47 -2.92 12.48
CA ALA A 552 -8.46 -4.13 13.25
C ALA A 552 -7.15 -4.25 14.00
N ASP A 553 -7.18 -4.97 15.11
CA ASP A 553 -6.00 -5.26 15.92
C ASP A 553 -5.01 -5.98 15.05
N PHE A 554 -3.73 -5.82 15.35
CA PHE A 554 -2.70 -6.34 14.48
C PHE A 554 -1.40 -6.68 15.24
N GLU A 555 -0.54 -7.50 14.62
CA GLU A 555 0.65 -8.00 15.25
C GLU A 555 1.81 -7.01 15.27
N THR A 556 2.51 -6.97 16.38
CA THR A 556 3.70 -6.13 16.51
C THR A 556 4.84 -6.95 17.13
N ASN A 557 6.01 -6.34 17.27
CA ASN A 557 7.15 -6.89 18.00
CA ASN A 557 7.06 -7.04 18.02
C ASN A 557 6.98 -6.72 19.54
N LEU A 558 7.96 -7.19 20.32
CA LEU A 558 7.90 -7.09 21.78
C LEU A 558 8.32 -5.71 22.27
N MET A 559 7.39 -4.99 22.87
CA MET A 559 7.65 -3.68 23.42
C MET A 559 6.63 -3.48 24.57
N ILE A 560 7.11 -2.98 25.69
CA ILE A 560 6.26 -2.87 26.88
C ILE A 560 4.84 -2.26 26.65
N LEU A 561 4.70 -1.28 25.75
CA LEU A 561 3.35 -0.76 25.58
C LEU A 561 2.52 -1.46 24.50
N ARG A 562 2.92 -2.66 24.16
CA ARG A 562 2.17 -3.48 23.26
C ARG A 562 1.77 -4.77 23.97
N VAL A 563 0.48 -4.91 24.23
CA VAL A 563 -0.10 -6.03 24.94
C VAL A 563 -0.46 -7.14 23.95
N GLN A 564 0.56 -7.92 23.57
CA GLN A 564 0.38 -8.94 22.55
C GLN A 564 -0.23 -8.27 21.31
N GLY A 565 0.54 -7.34 20.76
CA GLY A 565 0.17 -6.63 19.56
C GLY A 565 -0.46 -5.28 19.87
N ASN A 566 -0.97 -4.64 18.83
CA ASN A 566 -1.61 -3.35 18.94
C ASN A 566 -3.07 -3.64 19.09
N HIS A 567 -3.75 -2.97 20.00
CA HIS A 567 -5.19 -3.20 20.16
C HIS A 567 -6.10 -1.98 19.95
N LYS A 568 -5.66 -1.04 19.11
CA LYS A 568 -6.41 0.19 18.87
C LYS A 568 -7.51 -0.04 17.83
N GLY A 569 -7.71 -1.31 17.43
CA GLY A 569 -8.64 -1.63 16.36
C GLY A 569 -10.06 -1.47 16.82
N LEU A 570 -10.95 -0.99 15.93
CA LEU A 570 -12.41 -1.06 16.18
C LEU A 570 -12.87 -2.50 16.13
N PHE A 571 -12.18 -3.32 15.35
CA PHE A 571 -12.46 -4.75 15.34
C PHE A 571 -11.26 -5.49 15.92
N SER A 572 -11.50 -6.71 16.38
CA SER A 572 -10.45 -7.62 16.75
C SER A 572 -9.76 -8.17 15.52
N ARG A 573 -8.65 -8.83 15.76
CA ARG A 573 -7.87 -9.41 14.67
C ARG A 573 -8.71 -10.45 13.92
N ASN A 574 -9.62 -11.10 14.63
CA ASN A 574 -10.53 -12.05 14.05
C ASN A 574 -11.75 -11.35 13.39
N ARG A 575 -11.70 -10.02 13.29
CA ARG A 575 -12.81 -9.20 12.72
C ARG A 575 -14.14 -9.20 13.48
N GLN A 576 -14.11 -9.50 14.77
CA GLN A 576 -15.30 -9.37 15.58
C GLN A 576 -15.35 -7.93 16.16
N PRO A 577 -16.53 -7.31 16.21
CA PRO A 577 -16.73 -5.92 16.61
C PRO A 577 -16.45 -5.69 18.07
N LYS A 578 -15.88 -4.53 18.40
CA LYS A 578 -15.89 -4.05 19.79
C LYS A 578 -17.07 -3.09 20.00
N GLN A 579 -17.40 -2.84 21.25
CA GLN A 579 -18.51 -1.97 21.62
C GLN A 579 -18.62 -0.74 20.73
N VAL A 580 -17.50 -0.08 20.46
CA VAL A 580 -17.45 1.21 19.76
C VAL A 580 -17.94 1.18 18.28
N VAL A 581 -18.00 -0.01 17.69
CA VAL A 581 -18.48 -0.13 16.34
C VAL A 581 -19.89 0.41 16.14
N LYS A 582 -20.83 0.10 17.04
CA LYS A 582 -22.18 0.64 17.00
C LYS A 582 -22.16 2.16 16.93
N GLU A 583 -21.27 2.78 17.71
CA GLU A 583 -21.18 4.24 17.74
C GLU A 583 -20.73 4.85 16.41
N PHE A 584 -19.71 4.27 15.80
CA PHE A 584 -19.22 4.80 14.54
C PHE A 584 -20.27 4.64 13.48
N LYS A 585 -21.00 3.54 13.54
CA LYS A 585 -22.05 3.32 12.57
C LYS A 585 -23.13 4.41 12.65
N LYS A 586 -23.51 4.82 13.87
CA LYS A 586 -24.47 5.92 14.04
C LYS A 586 -23.89 7.22 13.51
N ARG A 587 -22.61 7.49 13.77
CA ARG A 587 -22.05 8.76 13.36
C ARG A 587 -21.84 8.84 11.84
N TRP A 588 -21.14 7.85 11.28
CA TRP A 588 -20.77 7.84 9.86
C TRP A 588 -21.94 7.63 8.89
N MET A 589 -23.05 7.11 9.39
CA MET A 589 -24.27 7.04 8.59
C MET A 589 -25.06 8.34 8.64
N THR A 590 -24.63 9.27 9.48
CA THR A 590 -25.31 10.54 9.64
C THR A 590 -24.54 11.59 8.86
N ILE A 591 -23.22 11.44 8.78
CA ILE A 591 -22.39 12.34 7.97
C ILE A 591 -22.32 11.83 6.52
N PRO A 592 -22.71 12.69 5.55
CA PRO A 592 -22.71 12.28 4.14
C PRO A 592 -21.28 12.28 3.61
N HIS A 593 -21.05 11.56 2.54
CA HIS A 593 -19.73 11.51 1.94
C HIS A 593 -19.35 12.87 1.37
N TYR A 594 -20.28 13.44 0.59
CA TYR A 594 -20.08 14.76 0.07
C TYR A 594 -20.62 15.75 1.12
N HIS A 595 -19.77 16.10 2.07
CA HIS A 595 -20.15 16.91 3.19
C HIS A 595 -19.29 18.14 3.22
N ASN A 596 -19.92 19.27 2.95
CA ASN A 596 -19.25 20.54 3.06
C ASN A 596 -19.45 21.14 4.43
N LYS A 597 -18.40 21.14 5.25
CA LYS A 597 -18.47 21.90 6.47
C LYS A 597 -17.87 23.24 6.17
N LYS A 598 -18.69 24.27 6.26
CA LYS A 598 -18.32 25.69 6.05
C LYS A 598 -19.15 26.48 4.97
N ASN A 599 -20.39 26.11 4.67
CA ASN A 599 -21.19 25.10 5.38
C ASN A 599 -22.42 24.74 4.57
MG MG B . 23.09 12.56 11.04
#